data_2J0A
#
_entry.id   2J0A
#
_cell.length_a   162.600
_cell.length_b   41.400
_cell.length_c   39.800
_cell.angle_alpha   90.00
_cell.angle_beta   90.00
_cell.angle_gamma   90.00
#
_symmetry.space_group_name_H-M   'P 21 21 2'
#
loop_
_entity.id
_entity.type
_entity.pdbx_description
1 polymer 'BETA-1,3-N-ACETYLGLUCOSAMINYLTRANSFERASE MANIC FRINGE'
2 non-polymer 'SULFATE ION'
3 non-polymer 'POTASSIUM ION'
4 water water
#
_entity_poly.entity_id   1
_entity_poly.type   'polypeptide(L)'
_entity_poly.pdbx_seq_one_letter_code
;GPMNPGPLELQLGDIFIAVKTTWAFHRSRLDLLLDTWVSRIRQQTFIFTDSPDERLQERLGPHLVVTQCSAEHSHPALSC
KMAAEFDAFLVSGLRWFCHVDDDNYVNPKALLQLLKTFPQDRDVYVGKPSLNRPIHASELQSKQRTKLVRFWFATGGAGF
CINRQLALKMVPWASGSHFVDTSALIRLPDDCTVGYIIECKLGGRLQPSPLFHSHLETLQLLGAAQLPEQVTLSYGVFEG
KLNVIKLPGPFSHEEDPSRFRSLHCLLYPDTPWCPLLAAP
;
_entity_poly.pdbx_strand_id   A
#
loop_
_chem_comp.id
_chem_comp.type
_chem_comp.name
_chem_comp.formula
K non-polymer 'POTASSIUM ION' 'K 1'
SO4 non-polymer 'SULFATE ION' 'O4 S -2'
#
# COMPACT_ATOMS: atom_id res chain seq x y z
N GLU A 9 18.55 -0.68 13.40
CA GLU A 9 17.83 -1.64 14.29
C GLU A 9 16.32 -1.73 14.03
N LEU A 10 15.80 -0.91 13.11
CA LEU A 10 14.43 -1.12 12.57
C LEU A 10 14.41 -2.48 11.89
N GLN A 11 13.31 -3.22 12.07
CA GLN A 11 13.07 -4.53 11.45
C GLN A 11 11.70 -4.57 10.74
N LEU A 12 11.46 -5.61 9.92
CA LEU A 12 10.13 -5.81 9.31
C LEU A 12 8.98 -5.90 10.29
N GLY A 13 9.24 -6.43 11.48
CA GLY A 13 8.22 -6.56 12.55
C GLY A 13 7.65 -5.24 13.06
N ASP A 14 8.35 -4.14 12.72
CA ASP A 14 7.94 -2.77 13.05
C ASP A 14 6.94 -2.13 12.04
N ILE A 15 6.53 -2.88 11.02
CA ILE A 15 5.76 -2.34 9.92
C ILE A 15 4.35 -3.01 9.83
N PHE A 16 3.31 -2.19 9.77
CA PHE A 16 1.92 -2.63 9.59
C PHE A 16 1.48 -2.26 8.14
N ILE A 17 1.33 -3.27 7.29
CA ILE A 17 0.86 -3.08 5.94
C ILE A 17 -0.65 -3.40 5.78
N ALA A 18 -1.39 -2.35 5.42
CA ALA A 18 -2.82 -2.43 5.20
C ALA A 18 -3.14 -2.42 3.70
N VAL A 19 -3.92 -3.42 3.27
CA VAL A 19 -4.45 -3.50 1.92
C VAL A 19 -5.98 -3.31 1.86
N LYS A 20 -6.41 -2.33 1.08
CA LYS A 20 -7.81 -2.06 0.87
C LYS A 20 -8.34 -2.86 -0.31
N THR A 21 -9.48 -3.58 -0.10
CA THR A 21 -10.20 -4.33 -1.16
C THR A 21 -11.74 -4.29 -0.99
N THR A 22 -12.45 -5.01 -1.87
CA THR A 22 -13.88 -5.18 -1.81
C THR A 22 -14.27 -6.57 -2.35
N TRP A 23 -15.43 -7.06 -1.95
CA TRP A 23 -15.85 -8.43 -2.29
C TRP A 23 -15.75 -8.78 -3.78
N ALA A 24 -16.17 -7.84 -4.63
CA ALA A 24 -16.15 -8.07 -6.09
C ALA A 24 -14.74 -8.28 -6.66
N PHE A 25 -13.69 -8.00 -5.87
CA PHE A 25 -12.31 -8.18 -6.31
C PHE A 25 -11.53 -9.32 -5.59
N HIS A 26 -12.19 -10.07 -4.72
CA HIS A 26 -11.56 -11.19 -4.01
C HIS A 26 -10.90 -12.20 -4.97
N ARG A 27 -11.68 -12.69 -5.94
CA ARG A 27 -11.16 -13.62 -6.98
C ARG A 27 -10.23 -12.91 -8.01
N SER A 28 -10.67 -11.78 -8.57
CA SER A 28 -9.90 -11.10 -9.64
C SER A 28 -8.56 -10.47 -9.21
N ARG A 29 -8.47 -10.00 -7.95
CA ARG A 29 -7.25 -9.29 -7.49
C ARG A 29 -6.57 -9.86 -6.27
N LEU A 30 -7.36 -10.24 -5.26
CA LEU A 30 -6.81 -10.57 -3.97
C LEU A 30 -6.06 -11.89 -3.97
N ASP A 31 -6.63 -12.91 -4.60
CA ASP A 31 -5.94 -14.20 -4.75
C ASP A 31 -4.50 -14.01 -5.34
N LEU A 32 -4.32 -13.16 -6.37
CA LEU A 32 -3.00 -12.83 -6.94
C LEU A 32 -2.00 -12.28 -5.91
N LEU A 33 -2.46 -11.36 -5.05
CA LEU A 33 -1.58 -10.79 -4.04
C LEU A 33 -1.16 -11.84 -3.00
N LEU A 34 -2.10 -12.72 -2.62
CA LEU A 34 -1.86 -13.79 -1.63
C LEU A 34 -0.82 -14.81 -2.15
N ASP A 35 -0.87 -15.09 -3.46
CA ASP A 35 0.11 -15.95 -4.12
C ASP A 35 1.51 -15.28 -4.19
N THR A 36 1.54 -13.96 -4.30
CA THR A 36 2.81 -13.23 -4.58
C THR A 36 3.28 -12.49 -3.30
N TRP A 37 3.26 -11.15 -3.27
CA TRP A 37 4.03 -10.47 -2.23
C TRP A 37 3.51 -10.72 -0.82
N VAL A 38 2.20 -10.89 -0.66
CA VAL A 38 1.63 -11.10 0.71
C VAL A 38 2.23 -12.39 1.28
N SER A 39 2.52 -13.39 0.45
CA SER A 39 3.16 -14.61 0.93
C SER A 39 4.56 -14.44 1.57
N ARG A 40 5.24 -13.31 1.32
CA ARG A 40 6.59 -13.05 1.84
C ARG A 40 6.57 -12.20 3.09
N ILE A 41 5.39 -11.68 3.44
CA ILE A 41 5.26 -10.70 4.56
C ILE A 41 3.86 -10.81 5.23
N ARG A 42 3.34 -12.04 5.33
CA ARG A 42 1.99 -12.25 5.83
C ARG A 42 1.82 -11.74 7.27
N GLN A 43 2.85 -11.91 8.10
CA GLN A 43 2.71 -11.59 9.52
C GLN A 43 2.45 -10.09 9.73
N GLN A 44 2.85 -9.25 8.78
CA GLN A 44 2.68 -7.80 8.88
C GLN A 44 1.53 -7.24 8.04
N THR A 45 0.86 -8.09 7.26
CA THR A 45 -0.15 -7.66 6.29
C THR A 45 -1.61 -7.97 6.70
N PHE A 46 -2.45 -6.95 6.59
CA PHE A 46 -3.86 -7.02 6.99
C PHE A 46 -4.72 -6.53 5.83
N ILE A 47 -5.69 -7.36 5.46
CA ILE A 47 -6.55 -7.14 4.31
C ILE A 47 -7.91 -6.68 4.76
N PHE A 48 -8.28 -5.45 4.36
CA PHE A 48 -9.55 -4.83 4.75
C PHE A 48 -10.59 -4.92 3.65
N THR A 49 -11.68 -5.65 3.92
CA THR A 49 -12.75 -5.92 2.96
C THR A 49 -14.15 -5.68 3.58
N ASP A 50 -15.21 -5.98 2.82
CA ASP A 50 -16.60 -5.70 3.17
C ASP A 50 -17.62 -6.89 3.15
N SER A 51 -17.11 -8.11 2.91
CA SER A 51 -17.91 -9.33 2.97
C SER A 51 -16.97 -10.52 3.37
N PRO A 52 -17.52 -11.55 4.09
CA PRO A 52 -16.68 -12.72 4.41
C PRO A 52 -16.23 -13.47 3.16
N ASP A 53 -15.26 -14.35 3.31
CA ASP A 53 -14.79 -15.16 2.19
C ASP A 53 -14.13 -16.40 2.77
N GLU A 54 -14.66 -17.59 2.41
CA GLU A 54 -14.07 -18.86 2.82
C GLU A 54 -12.61 -19.03 2.40
N ARG A 55 -12.26 -18.80 1.14
CA ARG A 55 -10.85 -18.98 0.68
C ARG A 55 -9.90 -18.01 1.38
N LEU A 56 -10.27 -16.73 1.44
CA LEU A 56 -9.39 -15.74 2.07
C LEU A 56 -9.32 -15.95 3.59
N GLN A 57 -10.44 -16.37 4.18
CA GLN A 57 -10.49 -16.65 5.61
C GLN A 57 -9.59 -17.82 5.94
N GLU A 58 -9.57 -18.83 5.06
CA GLU A 58 -8.66 -19.99 5.14
C GLU A 58 -7.20 -19.50 5.20
N ARG A 59 -6.77 -18.78 4.18
CA ARG A 59 -5.38 -18.33 4.07
C ARG A 59 -4.95 -17.25 5.09
N LEU A 60 -5.89 -16.50 5.68
CA LEU A 60 -5.51 -15.27 6.45
C LEU A 60 -5.92 -15.23 7.89
N GLY A 61 -6.96 -16.00 8.23
CA GLY A 61 -7.59 -15.93 9.51
C GLY A 61 -7.89 -14.51 9.92
N PRO A 62 -7.43 -14.13 11.10
CA PRO A 62 -7.71 -12.79 11.60
C PRO A 62 -7.04 -11.66 10.78
N HIS A 63 -6.11 -12.00 9.89
CA HIS A 63 -5.54 -11.04 8.97
C HIS A 63 -6.56 -10.60 7.91
N LEU A 64 -7.69 -11.30 7.79
CA LEU A 64 -8.82 -10.79 6.98
C LEU A 64 -9.78 -10.03 7.88
N VAL A 65 -9.89 -8.73 7.62
CA VAL A 65 -10.74 -7.86 8.43
C VAL A 65 -11.98 -7.55 7.62
N VAL A 66 -13.13 -8.13 8.00
CA VAL A 66 -14.40 -7.77 7.31
C VAL A 66 -15.16 -6.63 8.06
N THR A 67 -15.13 -5.47 7.42
CA THR A 67 -15.81 -4.28 7.92
C THR A 67 -17.32 -4.34 7.62
N GLN A 68 -18.12 -3.79 8.51
CA GLN A 68 -19.55 -3.77 8.32
C GLN A 68 -19.88 -2.30 8.52
N CYS A 69 -19.81 -1.57 7.41
CA CYS A 69 -19.60 -0.12 7.38
C CYS A 69 -20.93 0.66 7.15
N ALA A 77 -15.29 11.77 7.77
CA ALA A 77 -13.90 12.26 7.62
C ALA A 77 -12.99 11.44 6.78
N LEU A 78 -12.74 10.20 7.15
CA LEU A 78 -12.14 9.23 6.27
C LEU A 78 -13.24 8.27 5.89
N SER A 79 -13.08 7.55 4.78
CA SER A 79 -14.01 6.49 4.46
C SER A 79 -13.98 5.43 5.55
N CYS A 80 -15.03 4.64 5.57
CA CYS A 80 -15.15 3.64 6.61
C CYS A 80 -14.05 2.54 6.57
N LYS A 81 -13.68 2.05 5.39
CA LYS A 81 -12.52 1.17 5.30
C LYS A 81 -11.18 1.83 5.71
N MET A 82 -10.91 3.07 5.29
CA MET A 82 -9.61 3.73 5.65
C MET A 82 -9.53 4.02 7.17
N ALA A 83 -10.66 4.43 7.75
CA ALA A 83 -10.81 4.60 9.19
C ALA A 83 -10.53 3.28 9.88
N ALA A 84 -11.05 2.18 9.32
CA ALA A 84 -10.76 0.84 9.82
C ALA A 84 -9.27 0.52 9.78
N GLU A 85 -8.58 0.89 8.70
CA GLU A 85 -7.12 0.64 8.61
C GLU A 85 -6.36 1.45 9.64
N PHE A 86 -6.70 2.73 9.78
CA PHE A 86 -6.00 3.59 10.79
C PHE A 86 -6.22 3.07 12.20
N ASP A 87 -7.46 2.75 12.53
CA ASP A 87 -7.82 2.23 13.86
CA ASP A 87 -7.79 2.25 13.86
C ASP A 87 -7.07 0.92 14.16
N ALA A 88 -7.08 -0.01 13.23
CA ALA A 88 -6.36 -1.28 13.38
C ALA A 88 -4.81 -1.05 13.56
N PHE A 89 -4.23 -0.12 12.79
CA PHE A 89 -2.79 0.21 12.93
C PHE A 89 -2.47 0.70 14.34
N LEU A 90 -3.27 1.65 14.81
CA LEU A 90 -3.04 2.23 16.14
C LEU A 90 -3.19 1.19 17.24
N VAL A 91 -4.22 0.34 17.13
CA VAL A 91 -4.37 -0.80 18.07
C VAL A 91 -3.12 -1.71 18.09
N SER A 92 -2.47 -1.90 16.93
CA SER A 92 -1.30 -2.76 16.74
C SER A 92 -0.06 -2.31 17.54
N GLY A 93 0.08 -0.99 17.71
CA GLY A 93 1.25 -0.43 18.40
C GLY A 93 2.55 -0.33 17.63
N LEU A 94 2.52 -0.76 16.36
CA LEU A 94 3.74 -0.80 15.52
C LEU A 94 4.20 0.62 15.10
N ARG A 95 5.50 0.77 14.83
CA ARG A 95 6.12 2.08 14.52
C ARG A 95 5.68 2.67 13.18
N TRP A 96 5.49 1.82 12.17
CA TRP A 96 5.22 2.25 10.81
C TRP A 96 3.87 1.70 10.27
N PHE A 97 3.13 2.60 9.64
CA PHE A 97 1.91 2.28 8.88
C PHE A 97 2.16 2.50 7.40
N CYS A 98 1.92 1.48 6.58
CA CYS A 98 1.97 1.67 5.15
C CYS A 98 0.61 1.21 4.52
N HIS A 99 -0.05 2.15 3.84
CA HIS A 99 -1.29 1.85 3.08
C HIS A 99 -0.94 1.48 1.63
N VAL A 100 -1.53 0.41 1.11
CA VAL A 100 -1.60 0.13 -0.33
C VAL A 100 -3.02 -0.36 -0.81
N ASP A 101 -3.22 -0.26 -2.10
CA ASP A 101 -4.48 -0.72 -2.77
C ASP A 101 -4.29 -2.17 -3.28
N ASP A 102 -5.42 -2.77 -3.67
CA ASP A 102 -5.44 -4.16 -4.10
C ASP A 102 -4.78 -4.41 -5.48
N ASP A 103 -4.38 -3.31 -6.15
CA ASP A 103 -3.61 -3.38 -7.41
C ASP A 103 -2.13 -2.94 -7.23
N ASN A 104 -1.66 -2.91 -5.98
CA ASN A 104 -0.25 -2.69 -5.67
C ASN A 104 0.53 -3.99 -5.34
N TYR A 105 1.81 -3.97 -5.77
CA TYR A 105 2.88 -4.92 -5.37
C TYR A 105 3.86 -4.23 -4.37
N VAL A 106 4.20 -4.89 -3.28
CA VAL A 106 5.13 -4.35 -2.26
C VAL A 106 6.39 -5.19 -2.18
N ASN A 107 7.57 -4.55 -2.28
CA ASN A 107 8.86 -5.16 -2.04
C ASN A 107 9.29 -4.86 -0.59
N PRO A 108 9.12 -5.81 0.33
CA PRO A 108 9.37 -5.49 1.74
C PRO A 108 10.85 -5.21 2.05
N LYS A 109 11.77 -5.80 1.29
CA LYS A 109 13.20 -5.52 1.51
C LYS A 109 13.54 -4.06 1.17
N ALA A 110 13.08 -3.58 0.01
CA ALA A 110 13.29 -2.19 -0.43
C ALA A 110 12.58 -1.22 0.55
N LEU A 111 11.39 -1.62 0.99
CA LEU A 111 10.58 -0.83 1.96
C LEU A 111 11.36 -0.64 3.29
N LEU A 112 11.92 -1.71 3.83
CA LEU A 112 12.68 -1.59 5.08
C LEU A 112 13.93 -0.71 4.93
N GLN A 113 14.67 -0.86 3.84
CA GLN A 113 15.81 -0.02 3.55
C GLN A 113 15.53 1.47 3.45
N LEU A 114 14.41 1.81 2.85
CA LEU A 114 14.01 3.20 2.78
C LEU A 114 13.65 3.73 4.17
N LEU A 115 12.88 2.93 4.92
CA LEU A 115 12.35 3.40 6.21
C LEU A 115 13.52 3.61 7.22
N LYS A 116 14.60 2.82 7.11
CA LYS A 116 15.80 2.97 7.95
C LYS A 116 16.57 4.31 7.77
N THR A 117 16.28 4.97 6.67
CA THR A 117 16.96 6.16 6.22
C THR A 117 16.48 7.42 7.02
N PHE A 118 15.29 7.37 7.62
CA PHE A 118 14.75 8.53 8.38
C PHE A 118 15.25 8.52 9.82
N PRO A 119 15.61 9.72 10.33
CA PRO A 119 15.86 9.87 11.78
C PRO A 119 14.71 9.32 12.60
N GLN A 120 15.03 8.63 13.68
CA GLN A 120 14.04 7.77 14.36
C GLN A 120 12.97 8.54 15.18
N ASP A 121 13.28 9.78 15.52
CA ASP A 121 12.41 10.56 16.42
C ASP A 121 11.72 11.75 15.74
N ARG A 122 11.77 11.82 14.41
CA ARG A 122 11.05 12.82 13.64
C ARG A 122 9.75 12.24 13.08
N ASP A 123 8.73 13.10 12.97
CA ASP A 123 7.49 12.75 12.21
C ASP A 123 7.86 12.41 10.78
N VAL A 124 7.27 11.37 10.21
CA VAL A 124 7.45 11.15 8.74
C VAL A 124 6.21 10.66 8.01
N TYR A 125 5.99 11.33 6.88
CA TYR A 125 4.99 10.97 5.85
C TYR A 125 5.83 10.89 4.58
N VAL A 126 5.85 9.71 3.97
CA VAL A 126 6.63 9.44 2.77
C VAL A 126 5.78 8.75 1.68
N GLY A 127 6.02 9.17 0.45
CA GLY A 127 5.30 8.64 -0.70
C GLY A 127 5.60 9.40 -1.98
N LYS A 128 4.71 9.26 -2.95
CA LYS A 128 4.90 9.84 -4.27
C LYS A 128 3.99 11.06 -4.34
N PRO A 129 4.58 12.23 -4.50
CA PRO A 129 3.79 13.46 -4.36
C PRO A 129 2.84 13.75 -5.51
N SER A 130 1.73 14.37 -5.16
CA SER A 130 0.72 14.82 -6.13
C SER A 130 0.04 16.10 -5.58
N LEU A 131 -0.43 16.94 -6.51
CA LEU A 131 -1.16 18.17 -6.20
C LEU A 131 -2.61 18.05 -6.68
N PHE A 151 -2.45 21.71 -1.95
CA PHE A 151 -1.54 21.10 -0.97
C PHE A 151 -0.97 19.78 -1.51
N TRP A 152 0.27 19.49 -1.15
CA TRP A 152 0.92 18.21 -1.52
C TRP A 152 0.32 17.02 -0.75
N PHE A 153 0.18 15.88 -1.41
CA PHE A 153 -0.31 14.66 -0.75
C PHE A 153 0.28 13.43 -1.45
N ALA A 154 0.41 12.33 -0.73
CA ALA A 154 0.91 11.08 -1.31
C ALA A 154 -0.26 10.41 -2.00
N THR A 155 -0.12 10.17 -3.31
CA THR A 155 -1.11 9.43 -4.10
C THR A 155 -1.36 8.06 -3.47
N GLY A 156 -2.62 7.74 -3.18
CA GLY A 156 -2.96 6.51 -2.45
C GLY A 156 -2.67 5.23 -3.23
N GLY A 157 -2.89 5.30 -4.54
CA GLY A 157 -2.57 4.20 -5.44
C GLY A 157 -1.10 3.89 -5.67
N ALA A 158 -0.17 4.73 -5.16
CA ALA A 158 1.28 4.44 -5.10
C ALA A 158 1.75 3.81 -3.77
N GLY A 159 0.87 3.86 -2.77
CA GLY A 159 1.24 3.46 -1.42
C GLY A 159 1.91 4.63 -0.70
N PHE A 160 1.71 4.68 0.60
CA PHE A 160 2.35 5.70 1.41
C PHE A 160 2.53 5.19 2.81
N CYS A 161 3.52 5.75 3.52
CA CYS A 161 3.80 5.36 4.92
C CYS A 161 3.83 6.58 5.86
N ILE A 162 3.35 6.34 7.07
CA ILE A 162 3.33 7.29 8.19
C ILE A 162 3.82 6.53 9.43
N ASN A 163 4.65 7.16 10.24
CA ASN A 163 5.00 6.61 11.56
C ASN A 163 3.99 6.91 12.69
N ARG A 164 4.04 6.09 13.73
CA ARG A 164 3.01 6.11 14.81
C ARG A 164 2.86 7.49 15.48
N GLN A 165 3.98 8.18 15.70
CA GLN A 165 4.00 9.49 16.38
C GLN A 165 3.18 10.50 15.57
N LEU A 166 3.36 10.51 14.25
CA LEU A 166 2.54 11.40 13.39
C LEU A 166 1.08 10.92 13.33
N ALA A 167 0.86 9.60 13.18
CA ALA A 167 -0.51 9.08 13.16
C ALA A 167 -1.35 9.40 14.40
N LEU A 168 -0.73 9.33 15.59
CA LEU A 168 -1.42 9.66 16.84
C LEU A 168 -1.83 11.15 16.86
N LYS A 169 -1.01 12.01 16.23
CA LYS A 169 -1.34 13.46 16.14
C LYS A 169 -2.53 13.74 15.19
N MET A 170 -2.77 12.84 14.24
CA MET A 170 -3.86 12.94 13.25
C MET A 170 -5.25 12.56 13.77
N VAL A 171 -5.32 11.78 14.87
CA VAL A 171 -6.60 11.24 15.45
C VAL A 171 -7.81 12.21 15.49
N PRO A 172 -7.64 13.46 15.98
CA PRO A 172 -8.84 14.33 16.06
C PRO A 172 -9.53 14.55 14.71
N TRP A 173 -8.75 14.71 13.63
CA TRP A 173 -9.29 14.95 12.29
C TRP A 173 -9.71 13.64 11.61
N ALA A 174 -8.85 12.63 11.73
CA ALA A 174 -9.09 11.34 11.08
C ALA A 174 -10.37 10.63 11.61
N SER A 175 -10.71 10.90 12.88
CA SER A 175 -11.91 10.33 13.50
C SER A 175 -13.16 11.16 13.31
N GLY A 176 -13.02 12.32 12.64
CA GLY A 176 -14.13 13.25 12.47
C GLY A 176 -14.70 13.73 13.79
N SER A 177 -13.83 14.05 14.73
CA SER A 177 -14.27 14.40 16.08
C SER A 177 -15.00 15.77 16.10
N HIS A 178 -15.79 16.02 17.15
CA HIS A 178 -16.68 17.18 17.18
C HIS A 178 -15.97 18.46 17.66
N PHE A 179 -14.69 18.35 17.94
CA PHE A 179 -13.93 19.51 18.45
C PHE A 179 -12.76 19.93 17.52
N VAL A 180 -12.81 19.51 16.27
CA VAL A 180 -11.99 20.07 15.21
C VAL A 180 -12.88 20.35 14.01
N ASP A 181 -12.36 21.16 13.09
CA ASP A 181 -13.07 21.54 11.89
C ASP A 181 -12.75 20.55 10.80
N THR A 182 -13.79 19.82 10.38
CA THR A 182 -13.67 18.81 9.34
C THR A 182 -14.50 19.13 8.08
N SER A 183 -15.09 20.33 8.03
CA SER A 183 -15.80 20.80 6.84
C SER A 183 -15.00 20.64 5.56
N ALA A 184 -13.71 20.97 5.61
CA ALA A 184 -12.77 20.72 4.51
C ALA A 184 -12.50 19.24 4.26
N LEU A 185 -12.55 18.45 5.34
CA LEU A 185 -12.26 17.02 5.26
C LEU A 185 -13.34 16.21 4.53
N ILE A 186 -14.61 16.59 4.63
CA ILE A 186 -15.73 15.73 4.17
C ILE A 186 -15.83 15.52 2.65
N ARG A 187 -15.44 16.52 1.85
CA ARG A 187 -15.44 16.36 0.37
C ARG A 187 -14.04 16.14 -0.26
N LEU A 188 -13.11 15.58 0.51
CA LEU A 188 -11.80 15.15 -0.01
C LEU A 188 -11.76 13.63 -0.05
N PRO A 189 -11.09 13.03 -1.06
CA PRO A 189 -10.80 11.61 -1.01
C PRO A 189 -9.88 11.26 0.16
N ASP A 190 -9.83 9.97 0.50
CA ASP A 190 -8.97 9.46 1.59
C ASP A 190 -7.50 9.93 1.51
N ASP A 191 -6.84 9.75 0.36
CA ASP A 191 -5.41 10.11 0.24
C ASP A 191 -5.15 11.63 0.44
N CYS A 192 -6.01 12.44 -0.15
CA CYS A 192 -5.97 13.87 0.00
C CYS A 192 -6.17 14.29 1.45
N THR A 193 -7.14 13.65 2.08
CA THR A 193 -7.51 13.96 3.46
C THR A 193 -6.29 13.78 4.38
N VAL A 194 -5.59 12.66 4.16
CA VAL A 194 -4.37 12.32 4.90
C VAL A 194 -3.32 13.42 4.74
N GLY A 195 -3.07 13.85 3.50
CA GLY A 195 -2.09 14.93 3.27
C GLY A 195 -2.47 16.28 3.86
N TYR A 196 -3.75 16.63 3.72
CA TYR A 196 -4.31 17.84 4.28
C TYR A 196 -4.11 17.89 5.79
N ILE A 197 -4.46 16.80 6.47
CA ILE A 197 -4.30 16.77 7.93
C ILE A 197 -2.84 17.03 8.32
N ILE A 198 -1.93 16.32 7.66
CA ILE A 198 -0.51 16.40 8.00
C ILE A 198 0.11 17.77 7.64
N GLU A 199 -0.13 18.28 6.43
CA GLU A 199 0.46 19.55 6.02
C GLU A 199 -0.29 20.76 6.59
N CYS A 200 -1.61 20.72 6.54
CA CYS A 200 -2.44 21.91 6.82
C CYS A 200 -2.88 22.05 8.28
N LYS A 201 -3.05 20.95 8.97
CA LYS A 201 -3.39 20.98 10.39
C LYS A 201 -2.18 20.77 11.30
N LEU A 202 -1.19 19.97 10.91
CA LEU A 202 -0.05 19.61 11.79
C LEU A 202 1.30 20.30 11.43
N GLY A 203 1.34 21.04 10.33
CA GLY A 203 2.58 21.72 9.90
C GLY A 203 3.73 20.84 9.43
N GLY A 204 3.41 19.59 9.10
CA GLY A 204 4.37 18.62 8.60
C GLY A 204 4.56 18.73 7.08
N ARG A 205 5.35 17.82 6.51
CA ARG A 205 5.64 17.89 5.08
C ARG A 205 5.81 16.48 4.52
N LEU A 206 5.22 16.27 3.34
CA LEU A 206 5.48 15.04 2.59
C LEU A 206 6.94 14.98 2.21
N GLN A 207 7.58 13.86 2.52
CA GLN A 207 8.94 13.59 2.04
C GLN A 207 8.83 12.80 0.73
N PRO A 208 9.20 13.39 -0.41
CA PRO A 208 9.01 12.59 -1.62
C PRO A 208 10.04 11.46 -1.74
N SER A 209 9.59 10.33 -2.32
CA SER A 209 10.50 9.27 -2.71
C SER A 209 10.20 8.80 -4.14
N PRO A 210 11.23 8.63 -4.98
CA PRO A 210 10.98 8.09 -6.34
C PRO A 210 10.61 6.58 -6.35
N LEU A 211 10.62 5.92 -5.19
CA LEU A 211 10.45 4.42 -5.12
C LEU A 211 9.01 3.86 -5.05
N PHE A 212 8.04 4.75 -4.87
CA PHE A 212 6.61 4.39 -4.86
C PHE A 212 5.99 4.72 -6.25
N HIS A 213 5.16 3.79 -6.76
CA HIS A 213 4.59 3.90 -8.08
C HIS A 213 3.09 3.52 -8.11
N SER A 214 2.30 4.42 -8.70
CA SER A 214 0.91 4.15 -9.08
C SER A 214 0.84 3.69 -10.55
N HIS A 215 -0.38 3.43 -11.04
CA HIS A 215 -0.62 3.11 -12.47
C HIS A 215 -1.10 4.37 -13.22
N LEU A 216 -0.98 5.51 -12.56
CA LEU A 216 -1.17 6.84 -13.18
C LEU A 216 0.19 7.42 -13.60
N GLU A 217 1.06 6.53 -14.09
CA GLU A 217 2.50 6.74 -14.28
C GLU A 217 2.82 5.88 -15.47
N THR A 218 3.78 6.27 -16.30
CA THR A 218 4.15 5.43 -17.45
C THR A 218 5.14 4.40 -16.91
N LEU A 219 4.61 3.28 -16.44
CA LEU A 219 5.41 2.27 -15.74
C LEU A 219 6.49 1.56 -16.61
N GLN A 220 6.41 1.71 -17.93
CA GLN A 220 7.38 1.04 -18.82
C GLN A 220 8.86 1.53 -18.75
N LEU A 221 9.13 2.67 -18.10
CA LEU A 221 10.50 3.08 -17.71
C LEU A 221 11.18 2.20 -16.60
N LEU A 222 10.41 1.36 -15.94
CA LEU A 222 10.96 0.47 -14.93
C LEU A 222 11.14 -0.96 -15.51
N GLY A 223 12.41 -1.30 -15.73
CA GLY A 223 12.86 -2.64 -16.23
C GLY A 223 13.64 -3.46 -15.19
N ALA A 224 14.05 -4.68 -15.58
CA ALA A 224 14.66 -5.65 -14.64
C ALA A 224 15.76 -5.02 -13.77
N ALA A 225 16.43 -4.00 -14.30
CA ALA A 225 17.55 -3.33 -13.64
C ALA A 225 17.12 -2.41 -12.51
N GLN A 226 16.07 -1.63 -12.74
CA GLN A 226 15.54 -0.67 -11.74
C GLN A 226 14.56 -1.35 -10.78
N LEU A 227 13.87 -2.38 -11.28
CA LEU A 227 12.70 -2.95 -10.60
C LEU A 227 12.94 -3.39 -9.16
N PRO A 228 14.08 -4.07 -8.88
CA PRO A 228 14.38 -4.51 -7.48
C PRO A 228 14.63 -3.42 -6.44
N GLU A 229 15.00 -2.22 -6.84
CA GLU A 229 15.14 -1.13 -5.88
C GLU A 229 13.80 -0.45 -5.55
N GLN A 230 12.73 -0.75 -6.28
CA GLN A 230 11.47 -0.07 -6.03
C GLN A 230 10.69 -0.63 -4.83
N VAL A 231 9.98 0.23 -4.13
CA VAL A 231 9.21 -0.15 -2.92
C VAL A 231 7.78 -0.68 -3.28
N THR A 232 7.08 0.06 -4.13
CA THR A 232 5.81 -0.40 -4.72
C THR A 232 5.83 -0.33 -6.25
N LEU A 233 5.10 -1.27 -6.86
CA LEU A 233 4.64 -1.19 -8.25
C LEU A 233 3.05 -1.30 -8.30
N SER A 234 2.52 -1.16 -9.50
CA SER A 234 1.07 -1.14 -9.75
C SER A 234 0.77 -1.74 -11.13
N TYR A 235 -0.51 -1.90 -11.41
CA TYR A 235 -0.99 -2.21 -12.75
C TYR A 235 -2.36 -1.55 -12.88
N GLY A 236 -2.68 -1.10 -14.09
CA GLY A 236 -4.03 -0.65 -14.38
C GLY A 236 -4.13 0.25 -15.56
N VAL A 237 -5.38 0.62 -15.89
CA VAL A 237 -5.70 1.44 -17.06
C VAL A 237 -5.70 2.93 -16.70
N PHE A 238 -4.98 3.72 -17.48
CA PHE A 238 -4.99 5.16 -17.26
C PHE A 238 -4.73 5.82 -18.61
N GLU A 239 -5.51 6.86 -18.89
CA GLU A 239 -5.55 7.55 -20.17
C GLU A 239 -5.59 6.53 -21.31
N GLY A 240 -6.46 5.54 -21.13
CA GLY A 240 -6.75 4.56 -22.18
C GLY A 240 -5.71 3.51 -22.52
N LYS A 241 -4.69 3.40 -21.67
CA LYS A 241 -3.57 2.53 -21.85
C LYS A 241 -3.53 1.61 -20.62
N LEU A 242 -3.32 0.31 -20.83
CA LEU A 242 -2.98 -0.60 -19.72
C LEU A 242 -1.49 -0.40 -19.37
N ASN A 243 -1.29 0.12 -18.19
CA ASN A 243 -0.01 0.58 -17.75
CA ASN A 243 0.03 0.56 -17.72
C ASN A 243 0.59 -0.51 -16.83
N VAL A 244 1.72 -1.09 -17.25
CA VAL A 244 2.36 -2.17 -16.49
C VAL A 244 3.88 -1.98 -16.55
N ILE A 245 4.59 -2.62 -15.62
CA ILE A 245 6.08 -2.60 -15.67
C ILE A 245 6.59 -3.34 -16.93
N LYS A 246 7.85 -3.10 -17.32
CA LYS A 246 8.48 -3.76 -18.47
C LYS A 246 9.39 -4.96 -18.06
N LEU A 247 8.84 -6.16 -18.20
CA LEU A 247 9.52 -7.43 -17.96
C LEU A 247 9.24 -8.38 -19.15
N PRO A 248 10.26 -9.06 -19.66
CA PRO A 248 9.98 -10.02 -20.74
C PRO A 248 9.27 -11.32 -20.29
N GLY A 249 9.43 -11.66 -19.02
CA GLY A 249 8.92 -12.91 -18.49
C GLY A 249 9.27 -12.99 -17.01
N PRO A 250 9.21 -14.21 -16.42
CA PRO A 250 8.98 -15.49 -17.10
C PRO A 250 7.55 -15.91 -17.51
N PHE A 251 6.51 -15.15 -17.18
CA PHE A 251 5.15 -15.46 -17.63
C PHE A 251 4.83 -14.58 -18.83
N SER A 252 4.06 -15.13 -19.75
CA SER A 252 3.44 -14.34 -20.84
C SER A 252 2.49 -13.28 -20.28
N HIS A 253 2.21 -12.26 -21.08
CA HIS A 253 1.17 -11.27 -20.74
C HIS A 253 -0.22 -11.91 -20.61
N GLU A 254 -0.50 -12.96 -21.36
CA GLU A 254 -1.80 -13.66 -21.25
C GLU A 254 -1.98 -14.43 -19.94
N GLU A 255 -0.92 -15.08 -19.48
CA GLU A 255 -0.93 -15.79 -18.20
C GLU A 255 -0.87 -14.86 -16.99
N ASP A 256 -0.29 -13.67 -17.21
CA ASP A 256 0.14 -12.73 -16.12
C ASP A 256 0.03 -11.29 -16.60
N PRO A 257 -1.21 -10.83 -16.88
CA PRO A 257 -1.38 -9.47 -17.46
C PRO A 257 -0.82 -8.30 -16.59
N SER A 258 -0.85 -8.47 -15.28
CA SER A 258 -0.36 -7.46 -14.34
C SER A 258 1.19 -7.42 -14.25
N ARG A 259 1.83 -8.48 -14.73
CA ARG A 259 3.26 -8.71 -14.57
C ARG A 259 3.67 -9.02 -13.13
N PHE A 260 2.72 -9.09 -12.19
CA PHE A 260 3.08 -9.31 -10.77
C PHE A 260 3.62 -10.70 -10.53
N ARG A 261 3.13 -11.71 -11.24
CA ARG A 261 3.77 -13.02 -11.09
C ARG A 261 5.23 -13.06 -11.58
N SER A 262 5.50 -12.40 -12.72
CA SER A 262 6.85 -12.30 -13.26
C SER A 262 7.81 -11.52 -12.36
N LEU A 263 7.36 -10.37 -11.86
CA LEU A 263 8.14 -9.61 -10.87
C LEU A 263 8.48 -10.44 -9.64
N HIS A 264 7.47 -11.15 -9.15
CA HIS A 264 7.62 -11.96 -7.95
C HIS A 264 8.72 -13.01 -8.17
N CYS A 265 8.72 -13.63 -9.36
CA CYS A 265 9.71 -14.66 -9.71
C CYS A 265 11.14 -14.08 -9.89
N LEU A 266 11.24 -12.85 -10.38
CA LEU A 266 12.54 -12.17 -10.41
C LEU A 266 13.11 -11.96 -9.03
N LEU A 267 12.26 -11.47 -8.14
CA LEU A 267 12.63 -11.15 -6.76
C LEU A 267 12.92 -12.40 -5.91
N TYR A 268 12.13 -13.46 -6.14
CA TYR A 268 12.14 -14.74 -5.34
C TYR A 268 12.15 -15.96 -6.26
N PRO A 269 13.27 -16.18 -6.98
CA PRO A 269 13.36 -17.27 -7.98
C PRO A 269 13.34 -18.73 -7.42
N ASP A 270 13.42 -18.89 -6.09
CA ASP A 270 13.30 -20.15 -5.36
CA ASP A 270 13.31 -20.24 -5.50
C ASP A 270 11.83 -20.63 -5.29
N THR A 271 10.90 -19.76 -5.62
CA THR A 271 9.45 -20.07 -5.54
C THR A 271 9.11 -21.23 -6.51
N PRO A 272 8.56 -22.38 -6.01
CA PRO A 272 8.41 -23.61 -6.84
C PRO A 272 7.53 -23.48 -8.10
N TRP A 273 6.46 -22.70 -8.02
CA TRP A 273 5.57 -22.52 -9.16
C TRP A 273 6.11 -21.54 -10.23
N CYS A 274 7.28 -20.90 -10.01
CA CYS A 274 7.87 -20.03 -11.03
C CYS A 274 8.34 -20.90 -12.23
N PRO A 275 7.99 -20.47 -13.45
CA PRO A 275 8.38 -21.13 -14.69
C PRO A 275 9.72 -20.59 -15.20
N LEU A 276 10.20 -21.18 -16.28
CA LEU A 276 11.53 -20.86 -16.83
C LEU A 276 11.62 -19.50 -17.56
N LEU A 277 10.81 -19.34 -18.60
CA LEU A 277 11.06 -18.31 -19.64
C LEU A 277 12.26 -17.39 -19.32
S SO4 B . -8.94 22.85 13.62
O1 SO4 B . -9.13 21.88 12.54
O2 SO4 B . -8.53 24.09 12.98
O3 SO4 B . -10.20 22.94 14.37
O4 SO4 B . -7.89 22.38 14.52
K K C . -12.65 12.64 3.44
#